data_1I78
#
_entry.id   1I78
#
_cell.length_a   98.389
_cell.length_b   98.389
_cell.length_c   165.695
_cell.angle_alpha   90.00
_cell.angle_beta   90.00
_cell.angle_gamma   120.00
#
_symmetry.space_group_name_H-M   'P 32 2 1'
#
loop_
_entity.id
_entity.type
_entity.pdbx_description
1 polymer 'PROTEASE VII'
2 non-polymer 'octyl beta-D-glucopyranoside'
3 non-polymer (4S)-2-METHYL-2,4-PENTANEDIOL
4 water water
#
_entity_poly.entity_id   1
_entity_poly.type   'polypeptide(L)'
_entity_poly.pdbx_seq_one_letter_code
;STETLSFTPDNINADISLGTLSGKTKERVYLAEEGGRKVSQLDWKFNNAAIIKGAINWDLMPQISIGAAGWTTLGSRGGN
MVDQDWMDSSNPGTWTDEARHPDTQLNYANEFDLNIKGWLLNEPNYRLGLMAGYQESRYSFTARGGSYIYSSEEGFRDDI
GSFPNGERAIGYKQRFKMPYIGLTGSYRYEDFELGGTFKYSGWVESSDNDEHYDPKGRITYRSKVKDQNYYSVAVNAGYY
VTPNAKVYVEGAWNRVTNKKGNTSLYDHNNNTSDYSKNGAGIENYNFITTAGLKYTF
;
_entity_poly.pdbx_strand_id   A,B
#
loop_
_chem_comp.id
_chem_comp.type
_chem_comp.name
_chem_comp.formula
BOG D-saccharide 'octyl beta-D-glucopyranoside' 'C14 H28 O6'
MPD non-polymer (4S)-2-METHYL-2,4-PENTANEDIOL 'C6 H14 O2'
#
# COMPACT_ATOMS: atom_id res chain seq x y z
N SER A 1 -14.90 18.16 -12.30
CA SER A 1 -13.53 17.56 -12.16
C SER A 1 -13.62 16.06 -11.96
N THR A 2 -13.15 15.59 -10.81
CA THR A 2 -13.16 14.18 -10.47
C THR A 2 -14.58 13.71 -10.15
N GLU A 3 -15.54 14.62 -10.24
CA GLU A 3 -16.94 14.33 -9.96
C GLU A 3 -17.80 14.49 -11.22
N THR A 4 -17.31 13.96 -12.34
CA THR A 4 -18.04 14.03 -13.60
C THR A 4 -18.25 12.64 -14.19
N LEU A 5 -19.49 12.17 -14.17
CA LEU A 5 -19.82 10.85 -14.71
C LEU A 5 -19.88 10.81 -16.23
N SER A 6 -18.83 10.25 -16.84
CA SER A 6 -18.75 10.10 -18.29
C SER A 6 -17.72 9.02 -18.61
N PHE A 7 -17.61 8.70 -19.90
CA PHE A 7 -16.68 7.68 -20.36
C PHE A 7 -16.02 8.23 -21.62
N THR A 8 -14.70 8.07 -21.73
CA THR A 8 -13.97 8.59 -22.89
C THR A 8 -12.86 7.67 -23.38
N PRO A 9 -13.21 6.48 -23.87
CA PRO A 9 -12.16 5.57 -24.35
C PRO A 9 -11.34 6.25 -25.45
N ASP A 10 -11.77 7.46 -25.80
CA ASP A 10 -11.15 8.28 -26.83
C ASP A 10 -9.85 8.93 -26.32
N ASN A 11 -9.83 9.35 -25.05
CA ASN A 11 -8.67 10.01 -24.44
C ASN A 11 -7.44 9.11 -24.31
N ILE A 12 -6.44 9.34 -25.15
CA ILE A 12 -5.23 8.53 -25.10
C ILE A 12 -4.01 9.41 -25.32
N ASN A 13 -2.90 9.02 -24.70
CA ASN A 13 -1.66 9.76 -24.87
C ASN A 13 -0.53 8.76 -24.87
N ALA A 14 0.48 9.02 -25.70
CA ALA A 14 1.64 8.14 -25.81
C ALA A 14 2.84 8.88 -25.25
N ASP A 15 3.85 8.13 -24.83
CA ASP A 15 5.04 8.70 -24.24
C ASP A 15 6.26 7.91 -24.69
N ILE A 16 7.16 8.57 -25.42
CA ILE A 16 8.38 7.91 -25.90
C ILE A 16 9.57 8.74 -25.44
N SER A 17 10.60 8.09 -24.91
CA SER A 17 11.75 8.86 -24.47
C SER A 17 13.04 8.06 -24.49
N LEU A 18 14.15 8.78 -24.42
CA LEU A 18 15.47 8.18 -24.44
C LEU A 18 16.25 8.64 -23.23
N GLY A 19 17.25 7.86 -22.85
CA GLY A 19 18.05 8.24 -21.71
C GLY A 19 19.00 7.17 -21.23
N THR A 20 19.38 7.28 -19.96
CA THR A 20 20.32 6.36 -19.38
C THR A 20 19.84 5.77 -18.05
N LEU A 21 20.43 4.64 -17.72
CA LEU A 21 20.14 3.88 -16.50
C LEU A 21 21.44 3.57 -15.82
N SER A 22 21.54 3.92 -14.55
CA SER A 22 22.75 3.63 -13.78
C SER A 22 22.27 2.91 -12.54
N GLY A 23 23.07 1.97 -12.03
CA GLY A 23 22.63 1.27 -10.84
C GLY A 23 23.63 0.31 -10.24
N LYS A 24 23.20 -0.37 -9.18
CA LYS A 24 24.06 -1.32 -8.49
C LYS A 24 23.20 -2.34 -7.75
N THR A 25 23.64 -3.58 -7.77
CA THR A 25 22.93 -4.64 -7.08
C THR A 25 23.96 -5.44 -6.26
N LYS A 26 23.60 -5.77 -5.01
CA LYS A 26 24.48 -6.53 -4.13
C LYS A 26 23.94 -7.93 -3.84
N GLU A 27 24.71 -8.92 -4.27
CA GLU A 27 24.38 -10.33 -4.11
C GLU A 27 25.09 -10.88 -2.87
N ARG A 28 24.32 -11.24 -1.85
CA ARG A 28 24.90 -11.73 -0.61
C ARG A 28 24.59 -13.17 -0.20
N VAL A 29 25.54 -13.80 0.49
CA VAL A 29 25.41 -15.18 0.96
C VAL A 29 25.61 -15.20 2.48
N TYR A 30 24.76 -15.95 3.18
CA TYR A 30 24.84 -16.05 4.64
C TYR A 30 24.98 -17.49 5.11
N LEU A 31 25.59 -17.66 6.28
CA LEU A 31 25.77 -18.98 6.87
C LEU A 31 24.84 -19.07 8.07
N ALA A 32 23.77 -19.85 7.95
CA ALA A 32 22.82 -19.97 9.05
C ALA A 32 23.50 -20.59 10.25
N GLU A 33 24.15 -21.73 10.01
CA GLU A 33 24.88 -22.45 11.04
C GLU A 33 26.19 -21.73 11.33
N GLU A 34 26.09 -20.49 11.81
CA GLU A 34 27.25 -19.68 12.12
C GLU A 34 26.76 -18.24 12.36
N GLY A 35 25.59 -18.15 13.02
CA GLY A 35 24.98 -16.87 13.36
C GLY A 35 24.26 -16.16 12.21
N GLY A 36 24.41 -16.68 11.00
CA GLY A 36 23.78 -16.04 9.86
C GLY A 36 24.64 -14.86 9.46
N ARG A 37 25.94 -15.01 9.64
CA ARG A 37 26.86 -13.93 9.29
C ARG A 37 27.05 -13.92 7.79
N LYS A 38 27.43 -12.75 7.27
CA LYS A 38 27.67 -12.60 5.85
C LYS A 38 29.05 -13.17 5.51
N VAL A 39 29.11 -13.99 4.47
CA VAL A 39 30.38 -14.57 4.07
C VAL A 39 30.76 -14.20 2.63
N SER A 40 29.77 -13.82 1.81
CA SER A 40 30.04 -13.43 0.42
C SER A 40 29.20 -12.22 0.00
N GLN A 41 29.76 -11.40 -0.89
CA GLN A 41 29.05 -10.25 -1.39
C GLN A 41 29.60 -9.82 -2.74
N LEU A 42 28.74 -9.88 -3.75
CA LEU A 42 29.10 -9.52 -5.12
C LEU A 42 28.44 -8.17 -5.43
N ASP A 43 29.25 -7.19 -5.82
CA ASP A 43 28.73 -5.87 -6.14
C ASP A 43 28.78 -5.56 -7.64
N TRP A 44 27.67 -5.73 -8.33
CA TRP A 44 27.60 -5.47 -9.75
C TRP A 44 27.14 -4.03 -9.96
N LYS A 45 27.87 -3.25 -10.73
CA LYS A 45 27.46 -1.87 -10.99
C LYS A 45 27.73 -1.43 -12.42
N PHE A 46 27.07 -0.35 -12.83
CA PHE A 46 27.22 0.14 -14.20
C PHE A 46 26.62 1.53 -14.33
N ASN A 47 27.19 2.35 -15.21
CA ASN A 47 26.66 3.70 -15.42
C ASN A 47 26.28 3.99 -16.88
N ASN A 48 25.42 4.99 -17.03
CA ASN A 48 24.97 5.46 -18.34
C ASN A 48 24.70 4.42 -19.42
N ALA A 49 23.90 3.41 -19.10
CA ALA A 49 23.54 2.42 -20.08
C ALA A 49 22.37 3.08 -20.83
N ALA A 50 22.45 3.13 -22.14
CA ALA A 50 21.38 3.76 -22.90
C ALA A 50 20.10 2.95 -22.84
N ILE A 51 18.96 3.62 -22.71
CA ILE A 51 17.69 2.93 -22.69
C ILE A 51 16.62 3.69 -23.48
N ILE A 52 15.65 2.93 -23.97
CA ILE A 52 14.51 3.48 -24.69
C ILE A 52 13.35 3.22 -23.71
N LYS A 53 12.51 4.23 -23.48
CA LYS A 53 11.40 4.12 -22.54
C LYS A 53 10.11 4.57 -23.19
N GLY A 54 8.99 3.93 -22.83
CA GLY A 54 7.71 4.30 -23.42
C GLY A 54 6.45 3.98 -22.59
N ALA A 55 5.39 4.72 -22.83
CA ALA A 55 4.14 4.51 -22.11
C ALA A 55 2.90 4.85 -22.92
N ILE A 56 1.82 4.13 -22.62
CA ILE A 56 0.56 4.35 -23.28
C ILE A 56 -0.44 4.55 -22.16
N ASN A 57 -1.14 5.68 -22.19
CA ASN A 57 -2.11 5.99 -21.18
C ASN A 57 -3.51 6.16 -21.74
N TRP A 58 -4.47 5.49 -21.11
CA TRP A 58 -5.86 5.55 -21.51
C TRP A 58 -6.59 6.28 -20.38
N ASP A 59 -7.07 7.49 -20.64
CA ASP A 59 -7.82 8.23 -19.63
C ASP A 59 -9.31 7.96 -19.85
N LEU A 60 -9.74 6.75 -19.50
CA LEU A 60 -11.11 6.28 -19.66
C LEU A 60 -12.21 7.11 -18.99
N MET A 61 -12.00 7.49 -17.73
CA MET A 61 -12.99 8.27 -17.00
C MET A 61 -12.28 9.34 -16.20
N PRO A 62 -13.01 10.37 -15.76
CA PRO A 62 -12.37 11.43 -14.97
C PRO A 62 -11.79 10.83 -13.69
N GLN A 63 -12.40 9.73 -13.26
CA GLN A 63 -12.00 9.05 -12.04
C GLN A 63 -10.81 8.11 -12.18
N ILE A 64 -10.65 7.51 -13.35
CA ILE A 64 -9.59 6.53 -13.49
C ILE A 64 -8.95 6.39 -14.86
N SER A 65 -7.65 6.08 -14.85
CA SER A 65 -6.86 5.86 -16.06
C SER A 65 -6.14 4.50 -15.98
N ILE A 66 -5.83 3.94 -17.15
CA ILE A 66 -5.11 2.67 -17.20
C ILE A 66 -3.82 3.00 -17.94
N GLY A 67 -2.74 2.36 -17.53
CA GLY A 67 -1.47 2.62 -18.18
C GLY A 67 -0.58 1.41 -18.27
N ALA A 68 0.19 1.37 -19.34
CA ALA A 68 1.15 0.31 -19.60
C ALA A 68 2.44 1.03 -19.92
N ALA A 69 3.53 0.61 -19.30
CA ALA A 69 4.83 1.24 -19.53
C ALA A 69 5.92 0.20 -19.65
N GLY A 70 7.07 0.64 -20.12
CA GLY A 70 8.20 -0.25 -20.27
C GLY A 70 9.45 0.46 -20.74
N TRP A 71 10.58 -0.18 -20.52
CA TRP A 71 11.83 0.36 -20.97
C TRP A 71 12.77 -0.82 -21.10
N THR A 72 13.83 -0.61 -21.87
CA THR A 72 14.84 -1.64 -22.09
C THR A 72 16.14 -0.98 -22.55
N THR A 73 17.24 -1.67 -22.28
CA THR A 73 18.54 -1.15 -22.67
C THR A 73 18.70 -1.25 -24.17
N LEU A 74 19.40 -0.27 -24.74
CA LEU A 74 19.66 -0.22 -26.17
C LEU A 74 21.06 -0.78 -26.40
N GLY A 75 21.23 -2.07 -26.10
CA GLY A 75 22.52 -2.70 -26.24
C GLY A 75 23.18 -2.89 -24.88
N SER A 76 24.36 -3.51 -24.86
CA SER A 76 25.08 -3.76 -23.62
C SER A 76 25.82 -2.56 -23.06
N ARG A 77 26.41 -2.76 -21.88
CA ARG A 77 27.16 -1.71 -21.21
C ARG A 77 28.18 -2.34 -20.27
N GLY A 78 29.44 -1.93 -20.40
CA GLY A 78 30.49 -2.45 -19.54
C GLY A 78 30.32 -1.84 -18.18
N GLY A 79 30.53 -2.64 -17.15
CA GLY A 79 30.41 -2.16 -15.79
C GLY A 79 31.58 -2.63 -14.96
N ASN A 80 31.29 -3.04 -13.73
CA ASN A 80 32.32 -3.50 -12.82
C ASN A 80 31.69 -4.44 -11.81
N MET A 81 32.51 -5.29 -11.20
CA MET A 81 32.02 -6.24 -10.22
C MET A 81 33.10 -6.63 -9.24
N VAL A 82 32.74 -6.65 -7.96
CA VAL A 82 33.68 -6.98 -6.89
C VAL A 82 33.09 -8.09 -6.01
N ASP A 83 33.91 -9.09 -5.71
CA ASP A 83 33.49 -10.24 -4.92
C ASP A 83 34.35 -10.42 -3.65
N GLN A 84 33.77 -10.13 -2.50
CA GLN A 84 34.49 -10.25 -1.24
C GLN A 84 33.98 -11.40 -0.39
N ASP A 85 34.85 -11.88 0.49
CA ASP A 85 34.51 -12.96 1.40
C ASP A 85 35.01 -12.69 2.81
N TRP A 86 34.27 -13.20 3.79
CA TRP A 86 34.62 -13.04 5.19
C TRP A 86 34.72 -14.44 5.76
N MET A 87 35.84 -15.10 5.42
CA MET A 87 36.09 -16.49 5.86
C MET A 87 36.54 -16.63 7.31
N ASP A 88 36.91 -15.51 7.93
CA ASP A 88 37.36 -15.57 9.32
C ASP A 88 36.20 -15.27 10.28
N SER A 89 35.58 -16.34 10.77
CA SER A 89 34.44 -16.21 11.69
C SER A 89 34.83 -15.58 13.02
N SER A 90 36.13 -15.43 13.26
CA SER A 90 36.62 -14.82 14.50
C SER A 90 36.79 -13.32 14.30
N ASN A 91 36.72 -12.90 13.05
CA ASN A 91 36.87 -11.49 12.70
C ASN A 91 35.90 -11.11 11.58
N PRO A 92 34.64 -11.54 11.69
CA PRO A 92 33.66 -11.19 10.65
C PRO A 92 33.46 -9.69 10.73
N GLY A 93 33.78 -8.99 9.65
CA GLY A 93 33.65 -7.55 9.66
C GLY A 93 34.74 -6.98 8.79
N THR A 94 35.78 -7.78 8.59
CA THR A 94 36.91 -7.41 7.76
C THR A 94 37.03 -8.54 6.75
N TRP A 95 36.95 -8.19 5.47
CA TRP A 95 37.03 -9.20 4.43
C TRP A 95 38.40 -9.85 4.33
N THR A 96 38.39 -11.12 3.96
CA THR A 96 39.60 -11.90 3.82
C THR A 96 40.03 -12.09 2.36
N ASP A 97 39.07 -12.00 1.44
CA ASP A 97 39.39 -12.19 0.02
C ASP A 97 38.59 -11.24 -0.88
N GLU A 98 39.27 -10.58 -1.81
CA GLU A 98 38.63 -9.65 -2.73
C GLU A 98 39.05 -9.84 -4.18
N ALA A 99 38.07 -10.14 -5.03
CA ALA A 99 38.33 -10.34 -6.45
C ALA A 99 37.70 -9.20 -7.26
N ARG A 100 38.53 -8.49 -8.04
CA ARG A 100 38.03 -7.39 -8.84
C ARG A 100 37.88 -7.76 -10.31
N HIS A 101 36.80 -7.30 -10.93
CA HIS A 101 36.54 -7.62 -12.33
C HIS A 101 36.14 -6.41 -13.15
N PRO A 102 37.12 -5.70 -13.71
CA PRO A 102 36.73 -4.53 -14.50
C PRO A 102 36.04 -4.98 -15.79
N ASP A 103 36.38 -6.18 -16.25
CA ASP A 103 35.82 -6.70 -17.49
C ASP A 103 34.47 -7.33 -17.24
N THR A 104 33.51 -6.47 -16.91
CA THR A 104 32.15 -6.88 -16.63
C THR A 104 31.21 -6.04 -17.48
N GLN A 105 30.04 -6.57 -17.80
CA GLN A 105 29.08 -5.81 -18.56
C GLN A 105 27.63 -6.17 -18.24
N LEU A 106 26.75 -5.17 -18.38
CA LEU A 106 25.34 -5.38 -18.17
C LEU A 106 24.89 -5.81 -19.55
N ASN A 107 24.61 -7.10 -19.70
CA ASN A 107 24.17 -7.63 -21.00
C ASN A 107 22.90 -6.92 -21.44
N TYR A 108 21.94 -6.86 -20.53
CA TYR A 108 20.68 -6.20 -20.81
C TYR A 108 19.90 -5.98 -19.53
N ALA A 109 18.84 -5.19 -19.65
CA ALA A 109 17.94 -4.89 -18.53
C ALA A 109 16.65 -4.36 -19.11
N ASN A 110 15.52 -4.67 -18.49
CA ASN A 110 14.26 -4.17 -18.97
C ASN A 110 13.22 -4.12 -17.89
N GLU A 111 12.05 -3.58 -18.23
CA GLU A 111 10.99 -3.45 -17.27
C GLU A 111 9.66 -3.07 -17.93
N PHE A 112 8.58 -3.65 -17.44
CA PHE A 112 7.27 -3.32 -17.94
C PHE A 112 6.47 -3.03 -16.70
N ASP A 113 5.40 -2.26 -16.86
CA ASP A 113 4.59 -1.85 -15.73
C ASP A 113 3.15 -1.60 -16.18
N LEU A 114 2.20 -2.22 -15.47
CA LEU A 114 0.78 -2.07 -15.76
C LEU A 114 0.17 -1.48 -14.51
N ASN A 115 -0.60 -0.41 -14.64
CA ASN A 115 -1.19 0.22 -13.47
C ASN A 115 -2.55 0.89 -13.68
N ILE A 116 -3.18 1.31 -12.59
CA ILE A 116 -4.45 2.01 -12.64
C ILE A 116 -4.28 3.25 -11.78
N LYS A 117 -4.93 4.33 -12.18
CA LYS A 117 -4.86 5.57 -11.44
C LYS A 117 -6.23 6.05 -11.01
N GLY A 118 -6.38 6.32 -9.72
CA GLY A 118 -7.64 6.81 -9.21
C GLY A 118 -7.41 8.26 -8.89
N TRP A 119 -7.96 9.13 -9.73
CA TRP A 119 -7.79 10.57 -9.58
C TRP A 119 -8.54 11.18 -8.41
N LEU A 120 -7.83 11.91 -7.56
CA LEU A 120 -8.44 12.59 -6.41
C LEU A 120 -8.71 14.01 -6.89
N LEU A 121 -7.84 14.49 -7.76
CA LEU A 121 -7.96 15.82 -8.36
C LEU A 121 -7.66 15.66 -9.84
N ASN A 122 -8.53 16.21 -10.68
CA ASN A 122 -8.32 16.11 -12.11
C ASN A 122 -8.84 17.37 -12.81
N GLU A 123 -7.98 18.37 -12.91
CA GLU A 123 -8.34 19.63 -13.55
C GLU A 123 -7.45 19.87 -14.76
N PRO A 124 -7.68 20.99 -15.48
CA PRO A 124 -6.86 21.31 -16.67
C PRO A 124 -5.41 21.70 -16.33
N ASN A 125 -5.22 22.28 -15.14
CA ASN A 125 -3.88 22.70 -14.70
C ASN A 125 -3.24 21.88 -13.58
N TYR A 126 -3.94 20.88 -13.05
CA TYR A 126 -3.37 20.06 -12.00
C TYR A 126 -4.08 18.71 -11.83
N ARG A 127 -3.27 17.68 -11.54
CA ARG A 127 -3.75 16.32 -11.39
C ARG A 127 -3.09 15.66 -10.19
N LEU A 128 -3.86 14.89 -9.42
CA LEU A 128 -3.36 14.18 -8.25
C LEU A 128 -4.08 12.83 -8.24
N GLY A 129 -3.33 11.74 -8.28
CA GLY A 129 -3.99 10.44 -8.27
C GLY A 129 -3.29 9.32 -7.54
N LEU A 130 -4.10 8.41 -7.00
CA LEU A 130 -3.58 7.23 -6.31
C LEU A 130 -3.24 6.23 -7.41
N MET A 131 -2.29 5.34 -7.12
CA MET A 131 -1.90 4.34 -8.09
C MET A 131 -1.88 2.95 -7.45
N ALA A 132 -2.03 1.93 -8.30
CA ALA A 132 -1.98 0.54 -7.88
C ALA A 132 -1.51 -0.16 -9.15
N GLY A 133 -0.45 -0.94 -9.02
CA GLY A 133 0.07 -1.62 -10.20
C GLY A 133 1.02 -2.75 -9.94
N TYR A 134 1.57 -3.27 -11.03
CA TYR A 134 2.49 -4.39 -10.99
C TYR A 134 3.65 -4.11 -11.95
N GLN A 135 4.87 -4.41 -11.50
CA GLN A 135 6.06 -4.18 -12.35
C GLN A 135 6.98 -5.38 -12.32
N GLU A 136 7.71 -5.59 -13.39
CA GLU A 136 8.68 -6.68 -13.48
C GLU A 136 9.94 -6.16 -14.17
N SER A 137 11.08 -6.35 -13.55
CA SER A 137 12.33 -5.91 -14.17
C SER A 137 13.32 -7.08 -14.18
N ARG A 138 14.19 -7.07 -15.19
CA ARG A 138 15.20 -8.12 -15.30
C ARG A 138 16.61 -7.56 -15.57
N TYR A 139 17.62 -8.20 -14.98
CA TYR A 139 19.01 -7.80 -15.19
C TYR A 139 19.84 -9.03 -15.49
N SER A 140 20.86 -8.84 -16.32
CA SER A 140 21.78 -9.90 -16.75
C SER A 140 23.22 -9.36 -16.86
N PHE A 141 24.14 -9.95 -16.09
CA PHE A 141 25.55 -9.53 -16.11
C PHE A 141 26.50 -10.67 -16.41
N THR A 142 27.75 -10.30 -16.69
CA THR A 142 28.82 -11.25 -16.97
C THR A 142 30.15 -10.60 -16.59
N ALA A 143 30.95 -11.34 -15.81
CA ALA A 143 32.25 -10.88 -15.37
C ALA A 143 33.32 -11.85 -15.88
N ARG A 144 34.46 -11.30 -16.29
CA ARG A 144 35.56 -12.10 -16.81
C ARG A 144 36.88 -11.65 -16.22
N GLY A 145 37.82 -12.59 -16.15
CA GLY A 145 39.16 -12.32 -15.65
C GLY A 145 39.28 -11.54 -14.37
N GLY A 146 40.05 -10.45 -14.41
CA GLY A 146 40.22 -9.63 -13.23
C GLY A 146 41.33 -10.10 -12.30
N SER A 147 41.67 -9.26 -11.33
CA SER A 147 42.73 -9.53 -10.36
C SER A 147 42.17 -9.86 -8.97
N TYR A 148 43.03 -10.35 -8.08
CA TYR A 148 42.59 -10.69 -6.73
C TYR A 148 43.61 -10.38 -5.64
N ILE A 149 43.19 -10.64 -4.40
CA ILE A 149 43.99 -10.43 -3.19
C ILE A 149 43.44 -11.37 -2.13
N TYR A 150 43.67 -12.68 -2.29
CA TYR A 150 43.16 -13.65 -1.34
C TYR A 150 43.99 -13.81 -0.07
N SER A 151 43.47 -14.61 0.86
CA SER A 151 44.15 -14.86 2.14
C SER A 151 44.57 -16.32 2.25
N SER A 152 45.89 -16.54 2.30
CA SER A 152 46.45 -17.89 2.43
C SER A 152 45.98 -18.57 3.70
N GLU A 153 46.39 -19.81 3.89
CA GLU A 153 45.98 -20.55 5.08
C GLU A 153 46.30 -19.77 6.35
N GLU A 154 47.58 -19.53 6.61
CA GLU A 154 47.97 -18.79 7.80
C GLU A 154 48.40 -17.36 7.46
N GLY A 155 47.78 -16.78 6.44
CA GLY A 155 48.12 -15.42 6.03
C GLY A 155 46.92 -14.49 5.98
N PHE A 156 47.15 -13.24 5.59
CA PHE A 156 46.06 -12.26 5.53
C PHE A 156 46.29 -11.27 4.38
N ARG A 157 45.45 -11.37 3.35
CA ARG A 157 45.56 -10.49 2.18
C ARG A 157 47.02 -10.50 1.71
N ASP A 158 47.51 -11.72 1.50
CA ASP A 158 48.88 -11.96 1.07
C ASP A 158 48.93 -12.58 -0.33
N ASP A 159 48.03 -13.53 -0.58
CA ASP A 159 47.96 -14.21 -1.86
C ASP A 159 47.41 -13.24 -2.92
N ILE A 160 48.24 -12.29 -3.33
CA ILE A 160 47.87 -11.27 -4.32
C ILE A 160 48.19 -11.73 -5.73
N GLY A 161 47.19 -12.22 -6.46
CA GLY A 161 47.45 -12.69 -7.82
C GLY A 161 46.72 -12.00 -8.95
N SER A 162 46.49 -12.76 -10.03
CA SER A 162 45.82 -12.26 -11.21
C SER A 162 45.14 -13.42 -11.96
N PHE A 163 44.01 -13.15 -12.60
CA PHE A 163 43.26 -14.17 -13.33
C PHE A 163 43.53 -14.24 -14.83
N PRO A 164 43.33 -15.43 -15.44
CA PRO A 164 43.55 -15.64 -16.88
C PRO A 164 42.61 -14.69 -17.63
N ASN A 165 43.19 -13.83 -18.46
CA ASN A 165 42.41 -12.86 -19.22
C ASN A 165 41.25 -13.46 -20.04
N GLY A 166 40.03 -13.37 -19.50
CA GLY A 166 38.87 -13.88 -20.21
C GLY A 166 38.34 -15.23 -19.73
N GLU A 167 39.18 -15.98 -19.01
CA GLU A 167 38.78 -17.30 -18.50
C GLU A 167 37.75 -17.16 -17.37
N ARG A 168 37.86 -18.01 -16.36
CA ARG A 168 36.96 -18.02 -15.20
C ARG A 168 36.03 -16.80 -15.21
N ALA A 169 34.75 -17.04 -15.47
CA ALA A 169 33.76 -15.97 -15.54
C ALA A 169 32.52 -16.29 -14.70
N ILE A 170 31.63 -15.31 -14.59
CA ILE A 170 30.41 -15.48 -13.80
C ILE A 170 29.21 -14.80 -14.45
N GLY A 171 28.10 -15.54 -14.56
CA GLY A 171 26.88 -15.01 -15.14
C GLY A 171 25.87 -14.70 -14.04
N TYR A 172 25.25 -13.52 -14.07
CA TYR A 172 24.29 -13.15 -13.02
C TYR A 172 22.98 -12.55 -13.53
N LYS A 173 21.88 -13.28 -13.35
CA LYS A 173 20.56 -12.80 -13.78
C LYS A 173 19.69 -12.54 -12.56
N GLN A 174 18.78 -11.58 -12.70
CA GLN A 174 17.87 -11.24 -11.62
C GLN A 174 16.48 -10.98 -12.16
N ARG A 175 15.50 -11.09 -11.27
CA ARG A 175 14.11 -10.84 -11.62
C ARG A 175 13.38 -10.23 -10.41
N PHE A 176 12.68 -9.14 -10.65
CA PHE A 176 11.94 -8.43 -9.61
C PHE A 176 10.46 -8.32 -9.99
N LYS A 177 9.59 -8.91 -9.20
CA LYS A 177 8.15 -8.86 -9.41
C LYS A 177 7.69 -7.87 -8.37
N MET A 178 7.03 -6.79 -8.79
CA MET A 178 6.62 -5.79 -7.81
C MET A 178 5.19 -5.27 -7.80
N PRO A 179 4.34 -5.80 -6.91
CA PRO A 179 2.98 -5.27 -6.87
C PRO A 179 3.20 -3.97 -6.09
N TYR A 180 2.57 -2.87 -6.45
CA TYR A 180 2.84 -1.65 -5.71
C TYR A 180 1.72 -0.62 -5.68
N ILE A 181 1.82 0.30 -4.73
CA ILE A 181 0.85 1.39 -4.62
C ILE A 181 1.65 2.68 -4.82
N GLY A 182 0.97 3.74 -5.24
CA GLY A 182 1.69 4.98 -5.45
C GLY A 182 0.87 6.25 -5.42
N LEU A 183 1.56 7.35 -5.74
CA LEU A 183 1.00 8.69 -5.77
C LEU A 183 1.66 9.40 -6.94
N THR A 184 0.86 9.92 -7.85
CA THR A 184 1.44 10.63 -8.99
C THR A 184 0.71 11.97 -9.10
N GLY A 185 1.32 12.94 -9.78
CA GLY A 185 0.71 14.25 -9.90
C GLY A 185 1.53 15.28 -10.65
N SER A 186 0.91 16.39 -11.00
CA SER A 186 1.57 17.45 -11.74
C SER A 186 0.74 18.73 -11.80
N TYR A 187 1.43 19.87 -11.65
CA TYR A 187 0.77 21.17 -11.67
C TYR A 187 1.21 21.90 -12.94
N ARG A 188 0.31 22.71 -13.48
CA ARG A 188 0.61 23.42 -14.70
C ARG A 188 0.36 24.92 -14.65
N TYR A 189 1.39 25.70 -14.94
CA TYR A 189 1.27 27.15 -14.99
C TYR A 189 1.60 27.59 -16.41
N GLU A 190 0.59 28.14 -17.10
CA GLU A 190 0.76 28.58 -18.48
C GLU A 190 1.02 27.32 -19.32
N ASP A 191 2.19 27.20 -19.93
CA ASP A 191 2.50 26.02 -20.74
C ASP A 191 3.61 25.21 -20.11
N PHE A 192 3.96 25.55 -18.87
CA PHE A 192 5.02 24.85 -18.15
C PHE A 192 4.41 23.86 -17.14
N GLU A 193 5.02 22.68 -17.01
CA GLU A 193 4.49 21.66 -16.12
C GLU A 193 5.55 20.91 -15.31
N LEU A 194 5.30 20.81 -14.01
CA LEU A 194 6.18 20.10 -13.08
C LEU A 194 5.38 18.96 -12.48
N GLY A 195 5.95 17.77 -12.43
CA GLY A 195 5.26 16.63 -11.87
C GLY A 195 6.11 15.69 -11.04
N GLY A 196 5.47 14.71 -10.42
CA GLY A 196 6.18 13.75 -9.61
C GLY A 196 5.41 12.46 -9.42
N THR A 197 6.12 11.40 -9.07
CA THR A 197 5.52 10.11 -8.83
C THR A 197 6.26 9.38 -7.74
N PHE A 198 5.50 8.76 -6.85
CA PHE A 198 6.07 8.00 -5.74
C PHE A 198 5.48 6.59 -5.69
N LYS A 199 6.34 5.59 -5.55
CA LYS A 199 5.85 4.22 -5.46
C LYS A 199 6.42 3.54 -4.23
N TYR A 200 5.65 2.60 -3.70
CA TYR A 200 6.02 1.82 -2.53
C TYR A 200 5.52 0.39 -2.67
N SER A 201 6.28 -0.54 -2.13
CA SER A 201 5.90 -1.94 -2.15
C SER A 201 6.49 -2.70 -0.98
N GLY A 202 5.72 -3.63 -0.44
CA GLY A 202 6.21 -4.44 0.66
C GLY A 202 6.02 -5.88 0.25
N TRP A 203 5.68 -6.06 -1.02
CA TRP A 203 5.37 -7.38 -1.54
C TRP A 203 6.28 -7.85 -2.66
N VAL A 204 7.45 -7.24 -2.74
CA VAL A 204 8.39 -7.58 -3.79
C VAL A 204 8.95 -8.97 -3.62
N GLU A 205 9.11 -9.66 -4.75
CA GLU A 205 9.70 -10.98 -4.79
C GLU A 205 10.82 -10.96 -5.84
N SER A 206 12.06 -11.10 -5.37
CA SER A 206 13.19 -11.12 -6.26
C SER A 206 13.85 -12.49 -6.28
N SER A 207 14.44 -12.82 -7.41
CA SER A 207 15.10 -14.09 -7.56
C SER A 207 16.29 -13.89 -8.46
N ASP A 208 17.34 -14.68 -8.26
CA ASP A 208 18.51 -14.55 -9.10
C ASP A 208 19.14 -15.88 -9.41
N ASN A 209 20.00 -15.87 -10.42
CA ASN A 209 20.69 -17.06 -10.87
C ASN A 209 22.15 -16.68 -11.09
N ASP A 210 23.03 -17.34 -10.32
CA ASP A 210 24.46 -17.09 -10.40
C ASP A 210 25.16 -18.29 -11.01
N GLU A 211 25.79 -18.08 -12.16
CA GLU A 211 26.52 -19.16 -12.84
C GLU A 211 28.02 -19.01 -12.65
N HIS A 212 28.64 -20.00 -12.01
CA HIS A 212 30.08 -19.98 -11.83
C HIS A 212 30.66 -20.90 -12.90
N TYR A 213 31.17 -20.30 -13.96
CA TYR A 213 31.75 -21.05 -15.06
C TYR A 213 33.22 -21.32 -14.82
N ASP A 214 33.57 -22.60 -14.90
CA ASP A 214 34.93 -23.06 -14.67
C ASP A 214 34.80 -24.58 -14.58
N PRO A 215 35.37 -25.29 -15.56
CA PRO A 215 35.29 -26.76 -15.58
C PRO A 215 35.84 -27.40 -14.30
N LYS A 216 36.27 -26.56 -13.36
CA LYS A 216 36.80 -27.02 -12.07
C LYS A 216 35.73 -26.74 -11.02
N GLY A 217 35.38 -25.46 -10.86
CA GLY A 217 34.37 -25.06 -9.90
C GLY A 217 33.14 -24.56 -10.64
N ARG A 218 32.43 -25.48 -11.30
CA ARG A 218 31.24 -25.15 -12.07
C ARG A 218 29.96 -25.34 -11.23
N ILE A 219 29.58 -24.30 -10.49
CA ILE A 219 28.39 -24.37 -9.65
C ILE A 219 27.28 -23.42 -10.12
N THR A 220 26.06 -23.71 -9.69
CA THR A 220 24.91 -22.90 -10.05
C THR A 220 24.08 -22.56 -8.81
N TYR A 221 23.95 -21.27 -8.54
CA TYR A 221 23.18 -20.78 -7.39
C TYR A 221 21.84 -20.19 -7.83
N ARG A 222 20.83 -20.36 -6.99
CA ARG A 222 19.49 -19.84 -7.27
C ARG A 222 18.90 -19.38 -5.94
N SER A 223 18.46 -18.13 -5.90
CA SER A 223 17.88 -17.57 -4.69
C SER A 223 16.54 -16.90 -4.99
N LYS A 224 15.75 -16.72 -3.94
CA LYS A 224 14.44 -16.09 -4.01
C LYS A 224 14.19 -15.44 -2.65
N VAL A 225 13.79 -14.17 -2.68
CA VAL A 225 13.49 -13.42 -1.46
C VAL A 225 12.04 -12.97 -1.58
N LYS A 226 11.32 -12.94 -0.47
CA LYS A 226 9.92 -12.55 -0.48
C LYS A 226 9.56 -11.41 0.47
N ASP A 227 8.45 -10.74 0.19
CA ASP A 227 7.97 -9.64 1.03
C ASP A 227 9.05 -8.57 1.23
N GLN A 228 9.71 -8.25 0.14
CA GLN A 228 10.79 -7.29 0.12
C GLN A 228 10.25 -5.88 -0.15
N ASN A 229 10.88 -4.87 0.44
CA ASN A 229 10.46 -3.49 0.26
C ASN A 229 11.04 -2.83 -0.99
N TYR A 230 10.24 -1.94 -1.57
CA TYR A 230 10.63 -1.21 -2.76
C TYR A 230 10.15 0.23 -2.62
N TYR A 231 10.97 1.16 -3.06
CA TYR A 231 10.60 2.56 -2.99
C TYR A 231 11.00 3.18 -4.30
N SER A 232 10.28 4.22 -4.70
CA SER A 232 10.60 4.91 -5.93
C SER A 232 10.22 6.38 -5.85
N VAL A 233 11.06 7.24 -6.42
CA VAL A 233 10.81 8.67 -6.46
C VAL A 233 11.16 9.20 -7.84
N ALA A 234 10.21 9.83 -8.51
CA ALA A 234 10.49 10.37 -9.84
C ALA A 234 9.90 11.77 -9.96
N VAL A 235 10.61 12.66 -10.67
CA VAL A 235 10.14 14.03 -10.88
C VAL A 235 10.41 14.42 -12.32
N ASN A 236 9.54 15.24 -12.89
CA ASN A 236 9.68 15.69 -14.27
C ASN A 236 9.36 17.16 -14.45
N ALA A 237 9.85 17.71 -15.57
CA ALA A 237 9.63 19.10 -15.94
C ALA A 237 9.45 19.14 -17.45
N GLY A 238 8.40 19.81 -17.91
CA GLY A 238 8.15 19.88 -19.33
C GLY A 238 7.43 21.10 -19.82
N TYR A 239 7.37 21.23 -21.14
CA TYR A 239 6.74 22.38 -21.78
C TYR A 239 5.80 21.96 -22.91
N TYR A 240 4.62 22.57 -22.94
CA TYR A 240 3.67 22.26 -24.01
C TYR A 240 4.04 23.04 -25.26
N VAL A 241 4.76 22.41 -26.17
CA VAL A 241 5.14 23.06 -27.41
C VAL A 241 3.87 23.31 -28.24
N THR A 242 2.94 22.35 -28.22
CA THR A 242 1.67 22.52 -28.91
C THR A 242 0.59 22.21 -27.87
N PRO A 243 -0.69 22.45 -28.20
CA PRO A 243 -1.68 22.14 -27.17
C PRO A 243 -1.60 20.69 -26.67
N ASN A 244 -1.25 19.78 -27.57
CA ASN A 244 -1.17 18.36 -27.20
C ASN A 244 0.16 17.67 -27.48
N ALA A 245 1.26 18.36 -27.20
CA ALA A 245 2.60 17.82 -27.38
C ALA A 245 3.51 18.40 -26.30
N LYS A 246 3.83 17.58 -25.28
CA LYS A 246 4.68 18.04 -24.21
C LYS A 246 6.10 17.51 -24.28
N VAL A 247 7.06 18.41 -24.33
CA VAL A 247 8.44 18.00 -24.36
C VAL A 247 8.82 17.99 -22.88
N TYR A 248 9.47 16.92 -22.43
CA TYR A 248 9.81 16.82 -21.02
C TYR A 248 11.13 16.11 -20.70
N VAL A 249 11.56 16.32 -19.46
CA VAL A 249 12.80 15.76 -18.95
C VAL A 249 12.45 15.13 -17.58
N GLU A 250 13.04 13.98 -17.28
CA GLU A 250 12.73 13.32 -16.01
C GLU A 250 13.88 12.60 -15.33
N GLY A 251 13.78 12.51 -14.01
CA GLY A 251 14.76 11.83 -13.19
C GLY A 251 14.09 10.89 -12.20
N ALA A 252 14.51 9.63 -12.20
CA ALA A 252 13.92 8.62 -11.32
C ALA A 252 14.93 7.81 -10.52
N TRP A 253 14.60 7.58 -9.26
CA TRP A 253 15.42 6.80 -8.35
C TRP A 253 14.55 5.67 -7.84
N ASN A 254 15.14 4.53 -7.58
CA ASN A 254 14.36 3.45 -7.04
C ASN A 254 15.26 2.49 -6.32
N ARG A 255 14.75 1.92 -5.24
CA ARG A 255 15.54 1.00 -4.45
C ARG A 255 14.77 -0.20 -3.97
N VAL A 256 15.48 -1.32 -3.92
CA VAL A 256 14.92 -2.56 -3.39
C VAL A 256 15.80 -2.88 -2.19
N THR A 257 15.22 -2.74 -1.00
CA THR A 257 15.95 -2.99 0.23
C THR A 257 16.34 -4.46 0.41
N ASN A 258 17.51 -4.68 0.97
CA ASN A 258 18.00 -6.03 1.18
C ASN A 258 17.20 -6.79 2.23
N LYS A 259 17.05 -8.09 1.98
CA LYS A 259 16.30 -8.98 2.85
C LYS A 259 16.85 -10.37 2.56
N LYS A 260 16.70 -11.29 3.51
CA LYS A 260 17.20 -12.65 3.32
C LYS A 260 16.13 -13.54 2.74
N GLY A 261 16.58 -14.53 1.98
CA GLY A 261 15.68 -15.49 1.35
C GLY A 261 16.44 -16.81 1.25
N ASN A 262 15.80 -17.81 0.66
CA ASN A 262 16.43 -19.11 0.54
C ASN A 262 17.25 -19.25 -0.73
N THR A 263 18.23 -20.13 -0.70
CA THR A 263 19.10 -20.34 -1.85
C THR A 263 19.30 -21.84 -2.11
N SER A 264 19.60 -22.18 -3.36
CA SER A 264 19.82 -23.57 -3.74
C SER A 264 21.08 -23.64 -4.58
N LEU A 265 21.97 -24.55 -4.20
CA LEU A 265 23.24 -24.73 -4.88
C LEU A 265 23.26 -26.01 -5.70
N TYR A 266 23.85 -25.94 -6.89
CA TYR A 266 23.96 -27.09 -7.77
C TYR A 266 25.38 -27.24 -8.28
N ASP A 267 26.06 -28.26 -7.78
CA ASP A 267 27.43 -28.56 -8.16
C ASP A 267 27.42 -29.55 -9.33
N HIS A 268 27.72 -29.06 -10.52
CA HIS A 268 27.73 -29.90 -11.71
C HIS A 268 28.81 -30.97 -11.65
N ASN A 269 29.98 -30.61 -11.11
CA ASN A 269 31.08 -31.56 -11.02
C ASN A 269 30.69 -32.81 -10.23
N ASN A 270 30.36 -32.62 -8.96
CA ASN A 270 30.00 -33.73 -8.07
C ASN A 270 28.52 -34.08 -8.16
N ASN A 271 27.78 -33.36 -8.99
CA ASN A 271 26.36 -33.59 -9.14
C ASN A 271 25.71 -33.58 -7.76
N THR A 272 26.14 -32.64 -6.93
CA THR A 272 25.61 -32.51 -5.57
C THR A 272 24.88 -31.18 -5.42
N SER A 273 23.74 -31.19 -4.75
CA SER A 273 22.96 -29.98 -4.54
C SER A 273 22.81 -29.67 -3.05
N ASP A 274 22.68 -28.40 -2.71
CA ASP A 274 22.55 -28.02 -1.31
C ASP A 274 21.61 -26.83 -1.10
N TYR A 275 20.67 -27.01 -0.17
CA TYR A 275 19.68 -25.99 0.15
C TYR A 275 19.99 -25.33 1.50
N SER A 276 19.80 -24.02 1.58
CA SER A 276 20.04 -23.30 2.82
C SER A 276 19.05 -22.17 3.03
N LYS A 277 18.19 -22.35 4.02
CA LYS A 277 17.17 -21.37 4.38
C LYS A 277 17.82 -20.08 4.87
N ASN A 278 17.37 -18.96 4.31
CA ASN A 278 17.90 -17.65 4.68
C ASN A 278 19.40 -17.60 4.38
N GLY A 279 19.83 -18.34 3.37
CA GLY A 279 21.22 -18.33 3.02
C GLY A 279 21.57 -17.26 2.01
N ALA A 280 20.55 -16.57 1.48
CA ALA A 280 20.81 -15.55 0.49
C ALA A 280 20.19 -14.21 0.80
N GLY A 281 20.68 -13.19 0.09
CA GLY A 281 20.20 -11.84 0.24
C GLY A 281 20.31 -11.16 -1.11
N ILE A 282 19.39 -10.24 -1.41
CA ILE A 282 19.37 -9.51 -2.68
C ILE A 282 18.94 -8.06 -2.49
N GLU A 283 19.63 -7.13 -3.13
CA GLU A 283 19.23 -5.73 -3.06
C GLU A 283 19.78 -4.95 -4.26
N ASN A 284 19.19 -3.80 -4.54
CA ASN A 284 19.69 -2.98 -5.63
C ASN A 284 19.11 -1.59 -5.56
N TYR A 285 19.46 -0.79 -6.55
CA TYR A 285 18.95 0.56 -6.69
C TYR A 285 19.33 1.03 -8.07
N ASN A 286 18.56 1.96 -8.60
CA ASN A 286 18.83 2.48 -9.91
C ASN A 286 18.45 3.95 -10.01
N PHE A 287 19.11 4.60 -10.95
CA PHE A 287 18.91 6.00 -11.27
C PHE A 287 18.60 5.99 -12.77
N ILE A 288 17.50 6.64 -13.15
CA ILE A 288 17.12 6.73 -14.54
C ILE A 288 16.92 8.18 -14.94
N THR A 289 17.67 8.59 -15.96
CA THR A 289 17.58 9.96 -16.44
C THR A 289 17.06 9.86 -17.85
N THR A 290 16.00 10.61 -18.12
CA THR A 290 15.38 10.53 -19.42
C THR A 290 14.79 11.84 -19.92
N ALA A 291 14.58 11.91 -21.23
CA ALA A 291 13.98 13.05 -21.88
C ALA A 291 13.16 12.52 -23.05
N GLY A 292 11.99 13.12 -23.28
CA GLY A 292 11.14 12.66 -24.37
C GLY A 292 9.88 13.48 -24.59
N LEU A 293 8.91 12.86 -25.25
CA LEU A 293 7.65 13.52 -25.59
C LEU A 293 6.37 12.78 -25.23
N LYS A 294 5.40 13.53 -24.72
CA LYS A 294 4.10 12.98 -24.36
C LYS A 294 3.05 13.61 -25.28
N TYR A 295 2.54 12.80 -26.21
CA TYR A 295 1.55 13.24 -27.18
C TYR A 295 0.13 12.81 -26.81
N THR A 296 -0.76 13.77 -26.62
CA THR A 296 -2.15 13.46 -26.28
C THR A 296 -3.03 13.56 -27.51
N PHE A 297 -3.34 12.41 -28.12
CA PHE A 297 -4.18 12.37 -29.32
C PHE A 297 -5.52 13.08 -29.17
N ASN B 11 -15.17 -20.48 -12.69
CA ASN B 11 -15.24 -19.04 -13.09
C ASN B 11 -14.78 -18.13 -11.95
N ILE B 12 -13.68 -17.42 -12.18
CA ILE B 12 -13.11 -16.53 -11.15
C ILE B 12 -12.83 -15.10 -11.63
N ASN B 13 -12.87 -14.15 -10.70
CA ASN B 13 -12.57 -12.76 -11.05
C ASN B 13 -11.95 -12.00 -9.87
N ALA B 14 -11.14 -11.00 -10.20
CA ALA B 14 -10.45 -10.19 -9.20
C ALA B 14 -10.81 -8.74 -9.40
N ASP B 15 -10.95 -8.01 -8.29
CA ASP B 15 -11.33 -6.61 -8.34
C ASP B 15 -10.41 -5.71 -7.50
N ILE B 16 -9.74 -4.77 -8.15
CA ILE B 16 -8.88 -3.83 -7.45
C ILE B 16 -9.38 -2.41 -7.72
N SER B 17 -9.52 -1.63 -6.67
CA SER B 17 -9.97 -0.27 -6.85
C SER B 17 -9.28 0.72 -5.89
N LEU B 18 -9.35 2.00 -6.23
CA LEU B 18 -8.77 3.09 -5.44
C LEU B 18 -9.84 4.16 -5.20
N GLY B 19 -9.81 4.79 -4.03
CA GLY B 19 -10.79 5.81 -3.75
C GLY B 19 -10.61 6.44 -2.38
N THR B 20 -11.66 7.11 -1.92
CA THR B 20 -11.61 7.77 -0.62
C THR B 20 -12.67 7.27 0.32
N LEU B 21 -12.41 7.50 1.61
CA LEU B 21 -13.31 7.10 2.65
C LEU B 21 -13.56 8.30 3.55
N SER B 22 -14.82 8.64 3.76
CA SER B 22 -15.17 9.73 4.66
C SER B 22 -16.24 9.22 5.62
N GLY B 23 -16.09 9.55 6.89
CA GLY B 23 -17.08 9.11 7.84
C GLY B 23 -17.13 9.97 9.08
N LYS B 24 -17.93 9.53 10.03
CA LYS B 24 -18.04 10.21 11.30
C LYS B 24 -18.54 9.15 12.24
N THR B 25 -18.04 9.16 13.47
CA THR B 25 -18.49 8.19 14.43
C THR B 25 -18.63 8.90 15.76
N LYS B 26 -19.71 8.59 16.46
CA LYS B 26 -19.99 9.19 17.75
C LYS B 26 -19.86 8.20 18.88
N GLU B 27 -19.08 8.60 19.88
CA GLU B 27 -18.82 7.79 21.05
C GLU B 27 -19.52 8.51 22.20
N ARG B 28 -20.41 7.82 22.92
CA ARG B 28 -21.13 8.47 24.00
C ARG B 28 -21.09 7.74 25.33
N VAL B 29 -21.37 8.49 26.39
CA VAL B 29 -21.40 7.96 27.74
C VAL B 29 -22.74 8.35 28.34
N TYR B 30 -23.37 7.40 29.04
CA TYR B 30 -24.67 7.66 29.67
C TYR B 30 -24.58 7.36 31.16
N LEU B 31 -25.49 7.94 31.93
CA LEU B 31 -25.50 7.72 33.37
C LEU B 31 -26.66 6.85 33.83
N ALA B 32 -26.36 5.59 34.10
CA ALA B 32 -27.38 4.63 34.55
C ALA B 32 -28.08 5.17 35.79
N GLU B 33 -27.30 5.37 36.86
CA GLU B 33 -27.84 5.88 38.11
C GLU B 33 -28.53 7.24 37.98
N GLU B 34 -28.58 7.78 36.76
CA GLU B 34 -29.20 9.09 36.55
C GLU B 34 -30.16 9.13 35.36
N GLY B 35 -31.03 8.12 35.28
CA GLY B 35 -32.00 8.06 34.21
C GLY B 35 -31.41 7.70 32.86
N GLY B 36 -30.17 7.22 32.87
CA GLY B 36 -29.52 6.85 31.61
C GLY B 36 -29.32 8.01 30.66
N ARG B 37 -29.25 9.23 31.18
CA ARG B 37 -29.06 10.42 30.36
C ARG B 37 -27.64 10.53 29.76
N LYS B 38 -27.54 11.26 28.65
CA LYS B 38 -26.26 11.46 27.97
C LYS B 38 -25.37 12.45 28.72
N VAL B 39 -24.19 12.02 29.12
CA VAL B 39 -23.27 12.88 29.83
C VAL B 39 -22.02 13.27 29.03
N SER B 40 -21.66 12.46 28.03
CA SER B 40 -20.48 12.73 27.22
C SER B 40 -20.63 12.24 25.79
N GLN B 41 -20.18 13.04 24.83
CA GLN B 41 -20.24 12.68 23.43
C GLN B 41 -19.00 13.16 22.68
N LEU B 42 -18.32 12.24 21.99
CA LEU B 42 -17.12 12.57 21.23
C LEU B 42 -17.37 12.30 19.76
N ASP B 43 -17.31 13.33 18.94
CA ASP B 43 -17.51 13.19 17.51
C ASP B 43 -16.20 13.15 16.74
N TRP B 44 -15.84 11.98 16.24
CA TRP B 44 -14.62 11.82 15.45
C TRP B 44 -15.02 11.80 14.00
N LYS B 45 -14.48 12.72 13.21
CA LYS B 45 -14.81 12.76 11.80
C LYS B 45 -13.55 12.92 10.95
N PHE B 46 -13.70 12.66 9.65
CA PHE B 46 -12.59 12.77 8.73
C PHE B 46 -13.13 12.59 7.32
N ASN B 47 -12.49 13.24 6.35
CA ASN B 47 -12.92 13.15 4.97
C ASN B 47 -11.79 12.74 4.04
N ASN B 48 -12.18 12.08 2.96
CA ASN B 48 -11.27 11.64 1.94
C ASN B 48 -9.97 10.96 2.35
N ALA B 49 -10.05 9.98 3.24
CA ALA B 49 -8.85 9.23 3.60
C ALA B 49 -8.67 8.33 2.37
N ALA B 50 -7.44 8.16 1.92
CA ALA B 50 -7.20 7.33 0.74
C ALA B 50 -7.22 5.84 1.06
N ILE B 51 -7.80 5.04 0.17
CA ILE B 51 -7.88 3.60 0.38
C ILE B 51 -7.70 2.79 -0.90
N ILE B 52 -7.50 1.49 -0.73
CA ILE B 52 -7.37 0.59 -1.86
C ILE B 52 -8.28 -0.61 -1.50
N LYS B 53 -8.99 -1.15 -2.49
CA LYS B 53 -9.88 -2.29 -2.23
C LYS B 53 -9.57 -3.45 -3.17
N GLY B 54 -9.70 -4.65 -2.64
CA GLY B 54 -9.47 -5.86 -3.41
C GLY B 54 -10.62 -6.83 -3.17
N ALA B 55 -10.98 -7.59 -4.20
CA ALA B 55 -12.06 -8.56 -4.08
C ALA B 55 -11.90 -9.66 -5.08
N ILE B 56 -12.19 -10.88 -4.61
CA ILE B 56 -12.12 -12.07 -5.43
C ILE B 56 -13.45 -12.84 -5.34
N ASN B 57 -13.98 -13.23 -6.50
CA ASN B 57 -15.22 -13.97 -6.56
C ASN B 57 -15.03 -15.21 -7.41
N TRP B 58 -15.79 -16.25 -7.10
CA TRP B 58 -15.75 -17.47 -7.90
C TRP B 58 -17.06 -18.23 -7.84
N ASP B 59 -17.47 -18.73 -9.00
CA ASP B 59 -18.70 -19.50 -9.15
C ASP B 59 -18.54 -20.98 -8.88
N LEU B 60 -19.09 -21.46 -7.78
CA LEU B 60 -19.01 -22.89 -7.48
C LEU B 60 -20.07 -23.64 -8.30
N MET B 61 -21.24 -23.02 -8.44
CA MET B 61 -22.35 -23.60 -9.18
C MET B 61 -23.03 -22.47 -9.93
N PRO B 62 -23.97 -22.81 -10.83
CA PRO B 62 -24.64 -21.74 -11.56
C PRO B 62 -25.51 -20.89 -10.64
N GLN B 63 -25.96 -21.48 -9.54
CA GLN B 63 -26.82 -20.79 -8.59
C GLN B 63 -26.11 -20.28 -7.31
N ILE B 64 -24.83 -20.58 -7.18
CA ILE B 64 -24.10 -20.15 -5.99
C ILE B 64 -22.71 -19.59 -6.24
N SER B 65 -22.42 -18.47 -5.59
CA SER B 65 -21.12 -17.83 -5.71
C SER B 65 -20.57 -17.47 -4.34
N ILE B 66 -19.25 -17.48 -4.24
CA ILE B 66 -18.57 -17.14 -3.02
C ILE B 66 -17.67 -15.93 -3.26
N GLY B 67 -17.55 -15.07 -2.27
CA GLY B 67 -16.73 -13.90 -2.43
C GLY B 67 -15.94 -13.48 -1.19
N ALA B 68 -14.73 -12.97 -1.44
CA ALA B 68 -13.84 -12.48 -0.39
C ALA B 68 -13.40 -11.08 -0.78
N ALA B 69 -13.54 -10.13 0.14
CA ALA B 69 -13.16 -8.75 -0.15
C ALA B 69 -12.52 -8.07 1.04
N GLY B 70 -11.97 -6.89 0.81
CA GLY B 70 -11.34 -6.15 1.88
C GLY B 70 -10.69 -4.89 1.36
N TRP B 71 -10.63 -3.87 2.20
CA TRP B 71 -10.00 -2.61 1.86
C TRP B 71 -9.21 -2.07 3.05
N THR B 72 -8.30 -1.15 2.76
CA THR B 72 -7.49 -0.55 3.82
C THR B 72 -7.11 0.88 3.45
N THR B 73 -7.10 1.76 4.43
CA THR B 73 -6.68 3.13 4.18
C THR B 73 -5.21 3.01 3.77
N LEU B 74 -4.74 3.96 2.96
CA LEU B 74 -3.38 3.95 2.47
C LEU B 74 -2.44 4.83 3.29
N GLY B 75 -2.96 5.38 4.39
CA GLY B 75 -2.14 6.22 5.23
C GLY B 75 -2.94 7.06 6.18
N SER B 76 -2.27 7.59 7.18
CA SER B 76 -2.89 8.45 8.18
C SER B 76 -3.61 9.59 7.45
N ARG B 77 -4.69 10.09 8.03
CA ARG B 77 -5.43 11.18 7.42
C ARG B 77 -5.90 12.21 8.43
N GLY B 78 -5.82 13.49 8.06
CA GLY B 78 -6.25 14.53 8.96
C GLY B 78 -7.75 14.54 9.17
N GLY B 79 -8.16 14.65 10.42
CA GLY B 79 -9.58 14.68 10.75
C GLY B 79 -9.88 15.69 11.84
N ASN B 80 -11.02 15.55 12.51
CA ASN B 80 -11.39 16.48 13.56
C ASN B 80 -11.99 15.72 14.73
N MET B 81 -12.09 16.36 15.89
CA MET B 81 -12.65 15.69 17.05
C MET B 81 -13.17 16.72 18.06
N VAL B 82 -14.46 16.61 18.41
CA VAL B 82 -15.05 17.53 19.38
C VAL B 82 -15.56 16.74 20.57
N ASP B 83 -15.26 17.20 21.78
CA ASP B 83 -15.66 16.50 23.00
C ASP B 83 -16.60 17.36 23.85
N GLN B 84 -17.85 16.93 23.99
CA GLN B 84 -18.81 17.68 24.79
C GLN B 84 -19.25 16.96 26.05
N ASP B 85 -19.68 17.75 27.03
CA ASP B 85 -20.18 17.19 28.27
C ASP B 85 -21.47 17.89 28.68
N TRP B 86 -22.28 17.19 29.45
CA TRP B 86 -23.55 17.68 29.96
C TRP B 86 -23.54 17.28 31.44
N MET B 87 -22.71 17.96 32.21
CA MET B 87 -22.53 17.68 33.63
C MET B 87 -23.58 18.26 34.57
N ASP B 88 -24.47 19.09 34.05
CA ASP B 88 -25.50 19.67 34.91
C ASP B 88 -26.70 18.74 35.04
N SER B 89 -26.59 17.83 35.98
CA SER B 89 -27.63 16.84 36.28
C SER B 89 -29.01 17.48 36.47
N SER B 90 -29.03 18.80 36.61
CA SER B 90 -30.27 19.54 36.83
C SER B 90 -30.71 20.29 35.57
N ASN B 91 -29.99 20.09 34.47
CA ASN B 91 -30.32 20.75 33.21
C ASN B 91 -29.65 20.03 32.04
N PRO B 92 -30.16 18.85 31.66
CA PRO B 92 -29.58 18.11 30.54
C PRO B 92 -29.95 18.81 29.25
N GLY B 93 -29.25 18.50 28.17
CA GLY B 93 -29.56 19.14 26.91
C GLY B 93 -28.54 20.22 26.56
N THR B 94 -28.38 21.18 27.46
CA THR B 94 -27.43 22.27 27.26
C THR B 94 -26.09 21.78 27.80
N TRP B 95 -25.06 21.84 26.95
CA TRP B 95 -23.74 21.37 27.35
C TRP B 95 -22.97 22.37 28.20
N THR B 96 -22.25 21.85 29.19
CA THR B 96 -21.48 22.67 30.08
C THR B 96 -20.00 22.66 29.70
N ASP B 97 -19.58 21.66 28.93
CA ASP B 97 -18.19 21.57 28.54
C ASP B 97 -17.95 21.13 27.09
N GLU B 98 -17.09 21.87 26.40
CA GLU B 98 -16.72 21.55 25.02
C GLU B 98 -15.21 21.69 24.82
N ALA B 99 -14.67 20.84 23.97
CA ALA B 99 -13.24 20.85 23.68
C ALA B 99 -13.10 20.50 22.21
N ARG B 100 -12.44 21.36 21.45
CA ARG B 100 -12.26 21.08 20.03
C ARG B 100 -10.82 20.68 19.74
N HIS B 101 -10.65 19.56 19.05
CA HIS B 101 -9.34 19.04 18.71
C HIS B 101 -9.07 18.98 17.21
N PRO B 102 -8.63 20.10 16.63
CA PRO B 102 -8.33 20.15 15.20
C PRO B 102 -7.14 19.23 14.89
N ASP B 103 -6.28 19.04 15.89
CA ASP B 103 -5.11 18.19 15.74
C ASP B 103 -5.52 16.74 16.01
N THR B 104 -6.30 16.22 15.07
CA THR B 104 -6.84 14.86 15.13
C THR B 104 -6.61 14.14 13.82
N GLN B 105 -6.36 12.84 13.90
CA GLN B 105 -6.19 12.09 12.67
C GLN B 105 -6.68 10.66 12.75
N LEU B 106 -7.08 10.16 11.58
CA LEU B 106 -7.50 8.78 11.45
C LEU B 106 -6.20 8.09 11.08
N ASN B 107 -5.65 7.32 12.01
CA ASN B 107 -4.40 6.61 11.75
C ASN B 107 -4.62 5.53 10.69
N TYR B 108 -5.76 4.84 10.75
CA TYR B 108 -6.05 3.81 9.78
C TYR B 108 -7.46 3.23 9.95
N ALA B 109 -7.89 2.51 8.92
CA ALA B 109 -9.18 1.87 8.93
C ALA B 109 -9.12 0.77 7.89
N ASN B 110 -9.73 -0.37 8.20
CA ASN B 110 -9.75 -1.48 7.25
C ASN B 110 -10.99 -2.32 7.46
N GLU B 111 -11.23 -3.23 6.53
CA GLU B 111 -12.38 -4.11 6.59
C GLU B 111 -12.13 -5.32 5.72
N PHE B 112 -12.68 -6.46 6.11
CA PHE B 112 -12.57 -7.66 5.29
C PHE B 112 -13.97 -8.27 5.27
N ASP B 113 -14.32 -8.93 4.17
CA ASP B 113 -15.66 -9.51 4.01
C ASP B 113 -15.68 -10.88 3.34
N LEU B 114 -16.54 -11.75 3.86
CA LEU B 114 -16.70 -13.10 3.33
C LEU B 114 -18.18 -13.38 3.16
N ASN B 115 -18.57 -13.85 1.97
CA ASN B 115 -19.99 -14.12 1.76
C ASN B 115 -20.30 -15.15 0.70
N ILE B 116 -21.58 -15.50 0.62
CA ILE B 116 -22.10 -16.43 -0.35
C ILE B 116 -23.29 -15.75 -1.03
N LYS B 117 -23.45 -16.01 -2.32
CA LYS B 117 -24.55 -15.41 -3.04
C LYS B 117 -25.39 -16.52 -3.66
N GLY B 118 -26.70 -16.46 -3.40
CA GLY B 118 -27.64 -17.43 -3.93
C GLY B 118 -28.37 -16.76 -5.06
N TRP B 119 -28.13 -17.22 -6.28
CA TRP B 119 -28.74 -16.57 -7.44
C TRP B 119 -30.21 -16.91 -7.72
N LEU B 120 -31.02 -15.86 -7.85
CA LEU B 120 -32.43 -16.00 -8.16
C LEU B 120 -32.47 -15.91 -9.67
N LEU B 121 -31.76 -14.92 -10.21
CA LEU B 121 -31.66 -14.73 -11.65
C LEU B 121 -30.18 -14.74 -12.00
N ASN B 122 -29.83 -15.50 -13.04
CA ASN B 122 -28.45 -15.59 -13.45
C ASN B 122 -28.41 -15.87 -14.95
N GLU B 123 -28.65 -14.82 -15.72
CA GLU B 123 -28.64 -14.89 -17.17
C GLU B 123 -27.58 -13.91 -17.65
N PRO B 124 -26.83 -14.29 -18.70
CA PRO B 124 -25.75 -13.50 -19.31
C PRO B 124 -25.81 -11.98 -19.18
N ASN B 125 -27.01 -11.40 -19.28
CA ASN B 125 -27.14 -9.94 -19.20
C ASN B 125 -27.59 -9.35 -17.88
N TYR B 126 -27.95 -10.20 -16.92
CA TYR B 126 -28.39 -9.70 -15.62
C TYR B 126 -28.35 -10.77 -14.56
N ARG B 127 -28.38 -10.34 -13.31
CA ARG B 127 -28.36 -11.28 -12.22
C ARG B 127 -28.84 -10.60 -10.96
N LEU B 128 -29.53 -11.36 -10.13
CA LEU B 128 -30.06 -10.86 -8.87
C LEU B 128 -29.97 -12.03 -7.90
N GLY B 129 -29.38 -11.79 -6.73
CA GLY B 129 -29.26 -12.87 -5.77
C GLY B 129 -29.27 -12.43 -4.32
N LEU B 130 -29.53 -13.38 -3.44
CA LEU B 130 -29.54 -13.11 -2.00
C LEU B 130 -28.10 -13.29 -1.51
N MET B 131 -27.77 -12.61 -0.41
CA MET B 131 -26.43 -12.67 0.17
C MET B 131 -26.47 -12.95 1.66
N ALA B 132 -25.48 -13.70 2.12
CA ALA B 132 -25.32 -14.00 3.53
C ALA B 132 -23.81 -13.94 3.71
N GLY B 133 -23.35 -13.21 4.71
CA GLY B 133 -21.92 -13.12 4.91
C GLY B 133 -21.50 -12.49 6.21
N TYR B 134 -20.20 -12.27 6.34
CA TYR B 134 -19.64 -11.67 7.54
C TYR B 134 -18.64 -10.56 7.21
N GLN B 135 -18.78 -9.44 7.91
CA GLN B 135 -17.92 -8.27 7.75
C GLN B 135 -17.31 -7.85 9.08
N GLU B 136 -16.07 -7.42 9.03
CA GLU B 136 -15.35 -6.97 10.21
C GLU B 136 -14.48 -5.78 9.84
N SER B 137 -14.69 -4.65 10.51
CA SER B 137 -13.95 -3.45 10.23
C SER B 137 -13.33 -2.86 11.51
N ARG B 138 -12.27 -2.09 11.35
CA ARG B 138 -11.57 -1.45 12.45
C ARG B 138 -11.21 -0.02 12.12
N TYR B 139 -11.22 0.83 13.14
CA TYR B 139 -10.85 2.24 13.00
C TYR B 139 -9.91 2.65 14.13
N SER B 140 -8.94 3.50 13.80
CA SER B 140 -7.99 3.95 14.81
C SER B 140 -7.82 5.47 14.74
N PHE B 141 -8.08 6.13 15.86
CA PHE B 141 -7.97 7.60 15.96
C PHE B 141 -7.04 8.10 17.04
N THR B 142 -6.52 9.30 16.83
CA THR B 142 -5.66 9.96 17.81
C THR B 142 -5.93 11.46 17.79
N ALA B 143 -6.01 12.03 18.99
CA ALA B 143 -6.25 13.47 19.11
C ALA B 143 -5.24 14.09 20.08
N ARG B 144 -4.71 15.26 19.73
CA ARG B 144 -3.73 15.97 20.58
C ARG B 144 -4.14 17.43 20.81
N GLY B 145 -3.67 17.98 21.92
CA GLY B 145 -3.94 19.37 22.26
C GLY B 145 -5.37 19.84 22.14
N GLY B 146 -5.55 20.98 21.47
CA GLY B 146 -6.88 21.54 21.28
C GLY B 146 -7.24 22.68 22.21
N SER B 147 -8.41 23.27 21.97
CA SER B 147 -8.91 24.38 22.78
C SER B 147 -10.14 23.91 23.54
N TYR B 148 -10.51 24.65 24.58
CA TYR B 148 -11.67 24.26 25.37
C TYR B 148 -12.47 25.44 25.94
N ILE B 149 -13.75 25.18 26.17
CA ILE B 149 -14.67 26.15 26.74
C ILE B 149 -15.40 25.35 27.82
N TYR B 150 -14.81 25.31 29.01
CA TYR B 150 -15.35 24.55 30.14
C TYR B 150 -16.25 25.35 31.08
N SER B 151 -16.72 24.68 32.12
CA SER B 151 -17.58 25.31 33.12
C SER B 151 -17.07 25.04 34.52
N SER B 152 -16.66 26.11 35.19
CA SER B 152 -16.15 26.03 36.55
C SER B 152 -17.31 25.69 37.49
N GLU B 153 -16.98 25.31 38.72
CA GLU B 153 -17.99 24.93 39.71
C GLU B 153 -19.11 25.95 39.92
N GLU B 154 -18.77 27.23 39.95
CA GLU B 154 -19.77 28.27 40.16
C GLU B 154 -20.05 28.99 38.84
N GLY B 155 -19.23 28.74 37.84
CA GLY B 155 -19.43 29.39 36.56
C GLY B 155 -20.00 28.51 35.47
N PHE B 156 -20.32 29.12 34.33
CA PHE B 156 -20.87 28.42 33.17
C PHE B 156 -20.23 28.89 31.87
N ARG B 157 -19.55 27.98 31.17
CA ARG B 157 -18.88 28.29 29.90
C ARG B 157 -18.02 29.54 30.01
N ASP B 158 -17.33 29.68 31.14
CA ASP B 158 -16.48 30.82 31.41
C ASP B 158 -15.01 30.46 31.50
N ASP B 159 -14.73 29.16 31.66
CA ASP B 159 -13.37 28.68 31.76
C ASP B 159 -12.79 28.34 30.38
N ILE B 160 -12.53 29.36 29.58
CA ILE B 160 -11.97 29.17 28.24
C ILE B 160 -10.48 28.93 28.38
N GLY B 161 -9.86 28.34 27.34
CA GLY B 161 -8.43 28.08 27.40
C GLY B 161 -7.88 27.27 26.22
N SER B 162 -6.69 26.72 26.42
CA SER B 162 -6.05 25.93 25.37
C SER B 162 -5.03 24.99 26.02
N PHE B 163 -4.90 23.78 25.48
CA PHE B 163 -3.95 22.83 26.04
C PHE B 163 -2.60 22.97 25.33
N PRO B 164 -1.50 22.62 26.03
CA PRO B 164 -0.15 22.70 25.46
C PRO B 164 -0.01 21.73 24.29
N ASN B 165 -0.13 22.27 23.08
CA ASN B 165 -0.05 21.50 21.84
C ASN B 165 0.79 20.23 21.87
N GLY B 166 0.24 19.16 21.30
CA GLY B 166 0.93 17.89 21.24
C GLY B 166 0.65 16.96 22.41
N GLU B 167 -0.06 17.45 23.42
CA GLU B 167 -0.37 16.66 24.61
C GLU B 167 -1.84 16.25 24.71
N ARG B 168 -2.29 15.95 25.93
CA ARG B 168 -3.67 15.53 26.19
C ARG B 168 -4.13 14.52 25.14
N ALA B 169 -3.17 13.75 24.62
CA ALA B 169 -3.47 12.76 23.60
C ALA B 169 -4.63 11.85 23.97
N ILE B 170 -5.45 11.54 22.98
CA ILE B 170 -6.61 10.67 23.15
C ILE B 170 -6.56 9.59 22.07
N GLY B 171 -6.44 8.33 22.47
CA GLY B 171 -6.42 7.26 21.50
C GLY B 171 -7.82 6.67 21.43
N TYR B 172 -8.27 6.27 20.24
CA TYR B 172 -9.61 5.69 20.11
C TYR B 172 -9.68 4.64 19.02
N LYS B 173 -9.90 3.39 19.42
CA LYS B 173 -10.01 2.27 18.48
C LYS B 173 -11.41 1.64 18.48
N GLN B 174 -11.86 1.21 17.31
CA GLN B 174 -13.18 0.59 17.18
C GLN B 174 -13.09 -0.70 16.42
N ARG B 175 -14.02 -1.61 16.72
CA ARG B 175 -14.12 -2.88 16.02
C ARG B 175 -15.61 -3.13 15.78
N PHE B 176 -15.98 -3.37 14.52
CA PHE B 176 -17.37 -3.64 14.16
C PHE B 176 -17.50 -5.03 13.58
N LYS B 177 -18.09 -5.95 14.34
CA LYS B 177 -18.29 -7.33 13.91
C LYS B 177 -19.69 -7.35 13.28
N MET B 178 -19.75 -7.60 11.97
CA MET B 178 -21.05 -7.56 11.29
C MET B 178 -21.54 -8.72 10.45
N PRO B 179 -22.43 -9.55 11.01
CA PRO B 179 -22.95 -10.68 10.23
C PRO B 179 -24.03 -9.98 9.40
N TYR B 180 -24.36 -10.50 8.23
CA TYR B 180 -25.39 -9.81 7.47
C TYR B 180 -26.09 -10.56 6.36
N ILE B 181 -27.26 -10.03 6.00
CA ILE B 181 -28.08 -10.55 4.92
C ILE B 181 -28.08 -9.45 3.86
N GLY B 182 -28.18 -9.84 2.59
CA GLY B 182 -28.17 -8.84 1.55
C GLY B 182 -28.86 -9.23 0.26
N LEU B 183 -28.92 -8.28 -0.65
CA LEU B 183 -29.54 -8.47 -1.95
C LEU B 183 -28.58 -7.80 -2.93
N THR B 184 -28.18 -8.52 -3.98
CA THR B 184 -27.26 -7.94 -4.96
C THR B 184 -27.66 -8.32 -6.38
N GLY B 185 -27.29 -7.47 -7.34
CA GLY B 185 -27.62 -7.72 -8.72
C GLY B 185 -26.99 -6.75 -9.69
N SER B 186 -27.09 -7.04 -10.99
CA SER B 186 -26.52 -6.19 -12.02
C SER B 186 -27.17 -6.41 -13.39
N TYR B 187 -27.17 -5.37 -14.21
CA TYR B 187 -27.76 -5.44 -15.55
C TYR B 187 -26.73 -4.97 -16.59
N ARG B 188 -26.56 -5.74 -17.65
CA ARG B 188 -25.60 -5.37 -18.69
C ARG B 188 -26.16 -5.27 -20.10
N TYR B 189 -25.93 -4.14 -20.75
CA TYR B 189 -26.35 -3.98 -22.13
C TYR B 189 -25.11 -3.62 -22.95
N GLU B 190 -24.69 -4.56 -23.79
CA GLU B 190 -23.50 -4.35 -24.62
C GLU B 190 -22.25 -4.38 -23.73
N ASP B 191 -21.62 -3.22 -23.59
CA ASP B 191 -20.43 -3.14 -22.77
C ASP B 191 -20.65 -2.28 -21.54
N PHE B 192 -21.87 -1.75 -21.40
CA PHE B 192 -22.19 -0.96 -20.21
C PHE B 192 -22.78 -1.90 -19.15
N GLU B 193 -22.64 -1.54 -17.88
CA GLU B 193 -23.15 -2.39 -16.82
C GLU B 193 -23.40 -1.70 -15.49
N LEU B 194 -24.56 -1.96 -14.91
CA LEU B 194 -24.94 -1.39 -13.64
C LEU B 194 -24.99 -2.46 -12.56
N GLY B 195 -24.84 -2.03 -11.31
CA GLY B 195 -24.88 -2.97 -10.22
C GLY B 195 -25.25 -2.30 -8.93
N GLY B 196 -25.68 -3.09 -7.97
CA GLY B 196 -26.05 -2.55 -6.68
C GLY B 196 -26.01 -3.64 -5.63
N THR B 197 -25.81 -3.23 -4.40
CA THR B 197 -25.73 -4.16 -3.30
C THR B 197 -26.31 -3.51 -2.07
N PHE B 198 -27.21 -4.22 -1.41
CA PHE B 198 -27.82 -3.73 -0.19
C PHE B 198 -27.54 -4.74 0.91
N LYS B 199 -27.07 -4.26 2.05
CA LYS B 199 -26.79 -5.14 3.17
C LYS B 199 -27.53 -4.65 4.37
N TYR B 200 -27.95 -5.59 5.20
CA TYR B 200 -28.70 -5.32 6.41
C TYR B 200 -28.21 -6.25 7.50
N SER B 201 -28.27 -5.75 8.73
CA SER B 201 -27.87 -6.51 9.89
C SER B 201 -28.54 -5.92 11.10
N GLY B 202 -28.85 -6.78 12.07
CA GLY B 202 -29.46 -6.31 13.29
C GLY B 202 -28.73 -7.07 14.35
N TRP B 203 -27.56 -7.59 13.98
CA TRP B 203 -26.76 -8.43 14.86
C TRP B 203 -25.32 -7.93 15.00
N VAL B 204 -25.12 -6.64 14.77
CA VAL B 204 -23.78 -6.06 14.85
C VAL B 204 -23.22 -5.94 16.25
N GLU B 205 -21.96 -6.36 16.43
CA GLU B 205 -21.31 -6.21 17.72
C GLU B 205 -20.17 -5.20 17.55
N SER B 206 -20.36 -4.02 18.11
CA SER B 206 -19.35 -2.97 18.04
C SER B 206 -18.68 -2.77 19.38
N SER B 207 -17.36 -2.81 19.38
CA SER B 207 -16.60 -2.63 20.61
C SER B 207 -15.59 -1.51 20.38
N ASP B 208 -15.33 -0.72 21.40
CA ASP B 208 -14.35 0.34 21.25
C ASP B 208 -13.40 0.45 22.44
N ASN B 209 -12.28 1.12 22.21
CA ASN B 209 -11.28 1.33 23.24
C ASN B 209 -10.84 2.78 23.19
N ASP B 210 -11.17 3.47 24.27
CA ASP B 210 -10.83 4.88 24.42
C ASP B 210 -9.61 4.97 25.34
N GLU B 211 -8.69 5.87 25.03
CA GLU B 211 -7.49 5.99 25.83
C GLU B 211 -7.06 7.44 26.08
N HIS B 212 -7.22 7.90 27.32
CA HIS B 212 -6.81 9.25 27.71
C HIS B 212 -5.39 9.19 28.28
N TYR B 213 -4.41 9.63 27.49
CA TYR B 213 -3.01 9.57 27.92
C TYR B 213 -2.52 10.71 28.83
N ASP B 214 -3.40 11.65 29.16
CA ASP B 214 -2.99 12.74 30.05
C ASP B 214 -2.29 12.10 31.26
N PRO B 215 -0.98 12.32 31.41
CA PRO B 215 -0.26 11.73 32.55
C PRO B 215 -0.96 12.02 33.88
N LYS B 216 -1.39 13.27 34.06
CA LYS B 216 -2.08 13.69 35.27
C LYS B 216 -3.48 13.10 35.30
N GLY B 217 -3.62 11.92 34.69
CA GLY B 217 -4.90 11.24 34.65
C GLY B 217 -4.98 10.32 33.43
N ARG B 218 -4.42 9.12 33.54
CA ARG B 218 -4.45 8.16 32.44
C ARG B 218 -5.51 7.08 32.65
N ILE B 219 -6.66 7.26 31.99
CA ILE B 219 -7.77 6.31 32.09
C ILE B 219 -7.94 5.48 30.81
N THR B 220 -8.50 4.29 30.96
CA THR B 220 -8.76 3.41 29.83
C THR B 220 -10.25 3.03 29.86
N TYR B 221 -10.93 3.24 28.74
CA TYR B 221 -12.36 2.95 28.63
C TYR B 221 -12.64 1.91 27.55
N ARG B 222 -13.16 0.75 27.95
CA ARG B 222 -13.51 -0.29 26.98
C ARG B 222 -15.02 -0.45 27.03
N SER B 223 -15.65 -0.38 25.86
CA SER B 223 -17.09 -0.54 25.80
C SER B 223 -17.48 -1.49 24.68
N LYS B 224 -18.69 -2.04 24.78
CA LYS B 224 -19.19 -2.96 23.77
C LYS B 224 -20.70 -2.87 23.66
N VAL B 225 -21.19 -2.77 22.42
CA VAL B 225 -22.63 -2.68 22.16
C VAL B 225 -23.03 -3.90 21.32
N LYS B 226 -24.15 -4.54 21.70
CA LYS B 226 -24.64 -5.74 21.01
C LYS B 226 -25.94 -5.57 20.21
N ASP B 227 -26.21 -6.57 19.36
CA ASP B 227 -27.41 -6.63 18.51
C ASP B 227 -27.77 -5.28 17.89
N GLN B 228 -26.78 -4.68 17.23
CA GLN B 228 -26.96 -3.37 16.61
C GLN B 228 -27.33 -3.46 15.13
N ASN B 229 -28.08 -2.47 14.65
CA ASN B 229 -28.52 -2.39 13.25
C ASN B 229 -27.48 -1.74 12.33
N TYR B 230 -27.46 -2.19 11.09
CA TYR B 230 -26.52 -1.69 10.09
C TYR B 230 -27.17 -1.78 8.73
N TYR B 231 -26.92 -0.77 7.89
CA TYR B 231 -27.45 -0.74 6.54
C TYR B 231 -26.33 -0.29 5.65
N SER B 232 -26.38 -0.71 4.39
CA SER B 232 -25.35 -0.39 3.43
C SER B 232 -25.93 -0.39 2.03
N VAL B 233 -25.55 0.61 1.25
CA VAL B 233 -26.03 0.68 -0.12
C VAL B 233 -24.87 1.02 -1.03
N ALA B 234 -24.74 0.27 -2.11
CA ALA B 234 -23.67 0.53 -3.06
C ALA B 234 -24.16 0.36 -4.49
N VAL B 235 -23.75 1.27 -5.37
CA VAL B 235 -24.10 1.21 -6.78
C VAL B 235 -22.83 1.48 -7.55
N ASN B 236 -22.71 0.83 -8.69
CA ASN B 236 -21.54 1.01 -9.54
C ASN B 236 -21.93 1.00 -11.01
N ALA B 237 -21.12 1.64 -11.84
CA ALA B 237 -21.34 1.71 -13.27
C ALA B 237 -19.98 1.68 -13.98
N GLY B 238 -19.91 0.97 -15.11
CA GLY B 238 -18.67 0.87 -15.84
C GLY B 238 -18.81 0.25 -17.23
N TYR B 239 -17.68 0.14 -17.94
CA TYR B 239 -17.65 -0.41 -19.28
C TYR B 239 -16.65 -1.53 -19.43
N TYR B 240 -16.94 -2.48 -20.32
CA TYR B 240 -16.02 -3.57 -20.58
C TYR B 240 -15.16 -3.08 -21.74
N VAL B 241 -13.97 -2.61 -21.42
CA VAL B 241 -13.06 -2.12 -22.45
C VAL B 241 -12.62 -3.32 -23.26
N THR B 242 -12.79 -4.51 -22.69
CA THR B 242 -12.46 -5.77 -23.35
C THR B 242 -13.40 -6.83 -22.79
N PRO B 243 -13.44 -8.02 -23.41
CA PRO B 243 -14.32 -9.08 -22.91
C PRO B 243 -14.07 -9.41 -21.44
N ASN B 244 -12.80 -9.39 -21.03
CA ASN B 244 -12.46 -9.73 -19.65
C ASN B 244 -12.28 -8.56 -18.71
N ALA B 245 -12.31 -7.33 -19.22
CA ALA B 245 -12.07 -6.18 -18.36
C ALA B 245 -13.11 -5.08 -18.30
N LYS B 246 -13.51 -4.75 -17.08
CA LYS B 246 -14.48 -3.70 -16.85
C LYS B 246 -13.88 -2.64 -15.94
N VAL B 247 -13.94 -1.39 -16.39
CA VAL B 247 -13.44 -0.26 -15.61
C VAL B 247 -14.72 0.34 -15.09
N TYR B 248 -14.78 0.63 -13.79
CA TYR B 248 -16.00 1.16 -13.22
C TYR B 248 -15.78 2.18 -12.10
N VAL B 249 -16.88 2.80 -11.68
CA VAL B 249 -16.88 3.77 -10.61
C VAL B 249 -17.89 3.26 -9.60
N GLU B 250 -17.76 3.62 -8.32
CA GLU B 250 -18.68 3.12 -7.32
C GLU B 250 -18.83 4.01 -6.09
N GLY B 251 -20.07 4.18 -5.66
CA GLY B 251 -20.35 4.97 -4.48
C GLY B 251 -20.97 4.02 -3.47
N ALA B 252 -20.65 4.21 -2.19
CA ALA B 252 -21.20 3.36 -1.14
C ALA B 252 -21.43 4.15 0.13
N TRP B 253 -22.51 3.83 0.81
CA TRP B 253 -22.86 4.51 2.05
C TRP B 253 -23.26 3.44 3.07
N ASN B 254 -22.89 3.64 4.32
CA ASN B 254 -23.28 2.71 5.37
C ASN B 254 -23.32 3.42 6.71
N ARG B 255 -24.07 2.87 7.64
CA ARG B 255 -24.18 3.45 8.96
C ARG B 255 -24.51 2.36 9.96
N VAL B 256 -24.26 2.68 11.22
CA VAL B 256 -24.54 1.78 12.31
C VAL B 256 -25.30 2.64 13.29
N THR B 257 -26.59 2.36 13.41
CA THR B 257 -27.47 3.08 14.30
C THR B 257 -26.94 3.03 15.72
N ASN B 258 -27.14 4.10 16.48
CA ASN B 258 -26.66 4.12 17.85
C ASN B 258 -27.53 3.24 18.75
N LYS B 259 -26.93 2.74 19.83
CA LYS B 259 -27.61 1.86 20.78
C LYS B 259 -26.72 1.78 22.02
N LYS B 260 -27.30 1.76 23.21
CA LYS B 260 -26.51 1.69 24.43
C LYS B 260 -25.78 0.37 24.59
N GLY B 261 -24.65 0.40 25.28
CA GLY B 261 -23.86 -0.80 25.49
C GLY B 261 -23.21 -0.69 26.86
N ASN B 262 -22.30 -1.60 27.18
CA ASN B 262 -21.62 -1.57 28.48
C ASN B 262 -20.16 -1.16 28.43
N THR B 263 -19.76 -0.31 29.37
CA THR B 263 -18.39 0.16 29.46
C THR B 263 -17.72 -0.24 30.76
N SER B 264 -16.41 -0.05 30.81
CA SER B 264 -15.63 -0.36 32.00
C SER B 264 -14.40 0.56 32.06
N LEU B 265 -14.06 1.00 33.26
CA LEU B 265 -12.90 1.87 33.47
C LEU B 265 -11.73 1.04 33.98
N TYR B 266 -10.53 1.58 33.81
CA TYR B 266 -9.31 0.90 34.25
C TYR B 266 -8.27 1.93 34.66
N ASP B 267 -8.71 2.97 35.39
CA ASP B 267 -7.85 4.05 35.88
C ASP B 267 -6.46 3.55 36.27
N HIS B 268 -5.44 4.08 35.60
CA HIS B 268 -4.07 3.68 35.86
C HIS B 268 -3.49 4.35 37.10
N ASN B 269 -3.96 5.56 37.39
CA ASN B 269 -3.49 6.31 38.54
C ASN B 269 -3.81 5.61 39.87
N ASN B 270 -5.10 5.54 40.20
CA ASN B 270 -5.53 4.92 41.44
C ASN B 270 -5.97 3.47 41.25
N ASN B 271 -5.25 2.74 40.40
CA ASN B 271 -5.55 1.34 40.09
C ASN B 271 -6.94 0.94 40.55
N THR B 272 -7.94 1.61 40.00
CA THR B 272 -9.33 1.33 40.35
C THR B 272 -10.20 1.27 39.10
N SER B 273 -10.85 0.13 38.89
CA SER B 273 -11.71 -0.06 37.73
C SER B 273 -13.18 0.07 38.09
N ASP B 274 -14.01 0.37 37.09
CA ASP B 274 -15.44 0.51 37.31
C ASP B 274 -16.25 0.03 36.10
N TYR B 275 -17.21 -0.86 36.35
CA TYR B 275 -18.07 -1.43 35.32
C TYR B 275 -19.41 -0.69 35.32
N SER B 276 -19.95 -0.41 34.14
CA SER B 276 -21.23 0.29 34.08
C SER B 276 -22.12 -0.15 32.94
N LYS B 277 -23.19 -0.88 33.28
CA LYS B 277 -24.14 -1.36 32.28
C LYS B 277 -24.86 -0.20 31.60
N ASN B 278 -25.10 -0.36 30.30
CA ASN B 278 -25.78 0.68 29.53
C ASN B 278 -25.12 2.04 29.70
N GLY B 279 -23.80 2.05 29.86
CA GLY B 279 -23.11 3.30 30.04
C GLY B 279 -22.53 3.93 28.79
N ALA B 280 -22.40 3.15 27.72
CA ALA B 280 -21.81 3.66 26.48
C ALA B 280 -22.73 3.70 25.26
N GLY B 281 -22.26 4.40 24.24
CA GLY B 281 -22.98 4.51 23.00
C GLY B 281 -21.98 4.54 21.85
N ILE B 282 -22.33 3.88 20.75
CA ILE B 282 -21.48 3.83 19.57
C ILE B 282 -22.36 3.94 18.34
N GLU B 283 -21.92 4.75 17.38
CA GLU B 283 -22.67 4.93 16.14
C GLU B 283 -21.74 5.56 15.12
N ASN B 284 -21.90 5.18 13.86
CA ASN B 284 -21.07 5.77 12.82
C ASN B 284 -21.79 5.92 11.49
N TYR B 285 -21.04 6.35 10.50
CA TYR B 285 -21.55 6.59 9.17
C TYR B 285 -20.32 6.72 8.29
N ASN B 286 -20.36 6.16 7.09
CA ASN B 286 -19.23 6.24 6.19
C ASN B 286 -19.71 6.36 4.76
N PHE B 287 -18.91 7.01 3.93
CA PHE B 287 -19.20 7.16 2.51
C PHE B 287 -17.92 6.73 1.81
N ILE B 288 -18.05 5.89 0.79
CA ILE B 288 -16.91 5.41 0.05
C ILE B 288 -17.08 5.68 -1.45
N THR B 289 -16.15 6.42 -2.04
CA THR B 289 -16.19 6.72 -3.46
C THR B 289 -15.01 5.99 -4.05
N THR B 290 -15.24 5.20 -5.10
CA THR B 290 -14.16 4.41 -5.66
C THR B 290 -14.23 4.22 -7.17
N ALA B 291 -13.08 3.90 -7.76
CA ALA B 291 -12.97 3.63 -9.18
C ALA B 291 -12.03 2.42 -9.29
N GLY B 292 -12.40 1.44 -10.11
CA GLY B 292 -11.56 0.25 -10.21
C GLY B 292 -11.57 -0.52 -11.51
N LEU B 293 -10.87 -1.66 -11.48
CA LEU B 293 -10.72 -2.55 -12.62
C LEU B 293 -11.15 -3.95 -12.19
N LYS B 294 -12.04 -4.57 -12.96
CA LYS B 294 -12.51 -5.89 -12.62
C LYS B 294 -12.16 -6.85 -13.74
N TYR B 295 -11.34 -7.83 -13.42
CA TYR B 295 -10.89 -8.79 -14.41
C TYR B 295 -11.40 -10.20 -14.12
N THR B 296 -12.03 -10.83 -15.10
CA THR B 296 -12.50 -12.19 -14.88
C THR B 296 -11.60 -13.11 -15.69
N PHE B 297 -10.95 -14.05 -15.00
CA PHE B 297 -10.06 -15.00 -15.64
C PHE B 297 -10.88 -16.13 -16.23
C1 BOG C . 18.62 -7.22 -26.96
O1 BOG C . 18.24 -5.89 -27.32
C2 BOG C . 20.14 -7.25 -26.68
O2 BOG C . 20.85 -6.83 -27.81
C3 BOG C . 20.53 -8.69 -26.30
O3 BOG C . 21.92 -8.74 -26.02
C4 BOG C . 19.74 -9.09 -25.05
O4 BOG C . 20.09 -10.41 -24.65
C5 BOG C . 18.22 -9.01 -25.36
O5 BOG C . 17.89 -7.66 -25.78
C6 BOG C . 17.39 -9.38 -24.12
O6 BOG C . 16.60 -10.53 -24.36
C1' BOG C . 17.14 -5.87 -28.24
C2' BOG C . 17.10 -4.51 -28.88
C3' BOG C . 15.75 -3.88 -28.68
C4' BOG C . 15.70 -2.51 -29.33
C5' BOG C . 14.34 -1.88 -29.13
C6' BOG C . 14.14 -0.73 -30.08
C7' BOG C . 12.80 -0.10 -29.88
C8' BOG C . 12.59 1.04 -30.84
C1 BOG D . 25.79 -4.48 -28.50
O1 BOG D . 24.60 -3.75 -28.82
C2 BOG D . 25.40 -5.91 -28.03
O2 BOG D . 24.53 -5.84 -26.90
C3 BOG D . 26.67 -6.71 -27.69
O3 BOG D . 26.33 -8.02 -27.27
C4 BOG D . 27.56 -6.77 -28.94
O4 BOG D . 28.75 -7.51 -28.68
C5 BOG D . 27.92 -5.33 -29.41
O5 BOG D . 26.69 -4.58 -29.66
C6 BOG D . 28.79 -5.35 -30.67
O6 BOG D . 28.24 -6.20 -31.66
C1' BOG D . 24.79 -2.45 -29.37
C2' BOG D . 23.85 -2.33 -30.55
C3' BOG D . 22.44 -1.92 -30.13
C4' BOG D . 21.52 -1.82 -31.33
C5' BOG D . 20.12 -1.40 -30.93
C6' BOG D . 19.71 -0.13 -31.66
C7' BOG D . 18.31 0.32 -31.28
C8' BOG D . 17.94 1.59 -32.02
C1 MPD E . -13.96 8.47 -7.49
C2 MPD E . -12.48 8.84 -7.45
O2 MPD E . -11.97 7.86 -6.44
CM MPD E . -11.48 8.54 -8.54
C3 MPD E . -12.26 10.31 -6.93
C4 MPD E . -13.12 10.78 -5.85
O4 MPD E . -12.80 9.89 -4.77
C5 MPD E . -12.79 12.25 -5.49
C1 MPD F . -21.54 8.04 -6.63
C2 MPD F . -20.50 7.93 -7.74
O2 MPD F . -20.78 9.20 -8.51
CM MPD F . -19.02 8.15 -7.55
C3 MPD F . -20.74 6.66 -8.63
C4 MPD F . -22.13 6.29 -8.95
O4 MPD F . -22.64 7.43 -9.66
C5 MPD F . -22.19 5.00 -9.83
C1 BOG G . -6.58 -5.44 7.02
O1 BOG G . -7.31 -6.02 5.94
C2 BOG G . -6.56 -6.41 8.22
O2 BOG G . -7.88 -6.71 8.62
C3 BOG G . -5.76 -5.79 9.38
O3 BOG G . -5.74 -6.67 10.48
C4 BOG G . -4.33 -5.49 8.90
O4 BOG G . -3.56 -4.91 9.93
C5 BOG G . -4.38 -4.54 7.68
O5 BOG G . -5.19 -5.13 6.63
C6 BOG G . -2.97 -4.25 7.15
O6 BOG G . -2.88 -2.91 6.74
C1' BOG G . -7.49 -5.13 4.84
C2' BOG G . -7.26 -5.93 3.58
C3' BOG G . -7.22 -5.01 2.38
C4' BOG G . -6.99 -5.78 1.10
C5' BOG G . -6.95 -4.85 -0.10
C6' BOG G . -5.91 -5.31 -1.09
C7' BOG G . -5.87 -4.38 -2.28
C8' BOG G . -4.83 -4.84 -3.28
C1 BOG H . -14.25 -14.33 15.74
O1 BOG H . -15.01 -13.46 14.91
C2 BOG H . -12.84 -13.76 15.96
O2 BOG H . -12.18 -13.59 14.73
C3 BOG H . -12.05 -14.70 16.89
O3 BOG H . -10.76 -14.19 17.11
C4 BOG H . -12.81 -14.85 18.22
O4 BOG H . -12.10 -15.71 19.10
C5 BOG H . -14.23 -15.41 17.95
O5 BOG H . -14.93 -14.51 17.03
C6 BOG H . -15.01 -15.54 19.26
O6 BOG H . -15.92 -14.46 19.42
C1' BOG H . -15.67 -14.14 13.85
C2' BOG H . -17.14 -13.86 14.01
C3' BOG H . -17.97 -14.59 12.98
C4' BOG H . -19.41 -14.26 13.20
C5' BOG H . -20.34 -14.94 12.21
C6' BOG H . -21.74 -14.76 12.70
C7' BOG H . -22.75 -15.40 11.80
C8' BOG H . -24.14 -15.15 12.37
#